data_1YU1
#
_entry.id   1YU1
#
_cell.length_a   66.545
_cell.length_b   66.545
_cell.length_c   334.953
_cell.angle_alpha   90.00
_cell.angle_beta   90.00
_cell.angle_gamma   120.00
#
_symmetry.space_group_name_H-M   'P 63 2 2'
#
loop_
_entity.id
_entity.type
_entity.pdbx_description
1 polymer 'Major Tropism Determinant (Mtd-P3c)'
2 non-polymer 'MAGNESIUM ION'
3 non-polymer 'METHYL MERCURY ION'
4 water water
#
_entity_poly.entity_id   1
_entity_poly.type   'polypeptide(L)'
_entity_poly.pdbx_seq_one_letter_code
;MSTAVQFRGGTTAQHATFTGAAREITVDTDKNTVVVHDGATAGGFPLARHDLVKTAFIKADKSAVAFTRTGNATASIKAG
TIVEVNGKLVQFTADTAITMPALTAGTDYAIYVCDDGTVRADSNFSAPTGYTSTTARKVGGFHYAPGSNAAAQAGGNTTA
QINEYSLWDIKFRPAALDPRGMTLVAGAFWADIYLLGVNHLTDGTSKYNVTIADGSASPKKSTKFGGDGSAAYSDGAWYN
FAEVMTHHGKRLPNYNEFQALAFGTTEATSSGGTDVPTTGVNGTGATSAWNIFTSKWGVVQASGCLWTWGNEFGGVNGAS
EYTANTGGRGSVYAQPAAALFGGNWSNTSHSGSRAALWYVGPSNSFAGIGARGVCDHLILE
;
_entity_poly.pdbx_strand_id   A
#
# COMPACT_ATOMS: atom_id res chain seq x y z
N VAL A 5 35.41 9.75 -38.20
CA VAL A 5 36.31 8.66 -37.73
C VAL A 5 35.52 7.40 -37.37
N GLN A 6 35.79 6.32 -38.09
CA GLN A 6 35.08 5.07 -37.94
C GLN A 6 36.02 3.98 -37.43
N PHE A 7 35.51 3.13 -36.55
CA PHE A 7 36.31 2.10 -35.90
C PHE A 7 36.21 0.78 -36.65
N ARG A 8 37.16 -0.10 -36.39
CA ARG A 8 37.12 -1.45 -36.91
C ARG A 8 35.88 -2.13 -36.35
N GLY A 9 35.15 -2.83 -37.21
CA GLY A 9 33.94 -3.51 -36.80
C GLY A 9 33.62 -4.74 -37.61
N GLY A 10 32.78 -5.59 -37.03
CA GLY A 10 32.30 -6.79 -37.69
C GLY A 10 31.01 -7.28 -37.05
N THR A 11 30.38 -8.24 -37.71
CA THR A 11 29.16 -8.86 -37.19
C THR A 11 29.50 -9.65 -35.93
N THR A 12 28.50 -10.25 -35.30
CA THR A 12 28.72 -11.10 -34.13
C THR A 12 29.42 -12.41 -34.50
N ALA A 13 29.07 -12.96 -35.66
CA ALA A 13 29.69 -14.20 -36.15
C ALA A 13 31.15 -13.99 -36.48
N GLN A 14 31.48 -12.86 -37.09
CA GLN A 14 32.87 -12.48 -37.35
C GLN A 14 33.64 -12.26 -36.06
N HIS A 15 32.94 -11.74 -35.05
CA HIS A 15 33.55 -11.44 -33.76
C HIS A 15 33.94 -12.69 -32.97
N ALA A 16 33.24 -13.80 -33.21
CA ALA A 16 33.39 -15.03 -32.43
C ALA A 16 34.76 -15.74 -32.60
N THR A 17 35.35 -15.63 -33.79
CA THR A 17 36.66 -16.23 -34.06
C THR A 17 37.79 -15.20 -34.05
N PHE A 18 37.51 -14.00 -33.55
CA PHE A 18 38.46 -12.89 -33.62
C PHE A 18 39.00 -12.50 -32.25
N THR A 19 40.32 -12.53 -32.11
CA THR A 19 41.02 -12.08 -30.90
C THR A 19 41.80 -10.81 -31.20
N GLY A 20 41.29 -9.67 -30.75
CA GLY A 20 41.96 -8.39 -30.94
C GLY A 20 43.09 -8.23 -29.95
N ALA A 21 43.99 -7.28 -30.23
CA ALA A 21 45.11 -6.96 -29.35
C ALA A 21 44.63 -6.41 -28.02
N ALA A 22 45.50 -6.41 -27.03
CA ALA A 22 45.19 -5.85 -25.72
C ALA A 22 44.87 -4.37 -25.85
N ARG A 23 43.77 -3.94 -25.23
CA ARG A 23 43.26 -2.57 -25.28
C ARG A 23 42.71 -2.13 -26.65
N GLU A 24 42.52 -3.07 -27.57
CA GLU A 24 41.86 -2.77 -28.85
C GLU A 24 40.35 -2.75 -28.64
N ILE A 25 39.69 -1.80 -29.31
CA ILE A 25 38.24 -1.60 -29.22
C ILE A 25 37.61 -1.74 -30.61
N THR A 26 36.72 -2.72 -30.77
CA THR A 26 35.99 -2.91 -32.01
C THR A 26 34.51 -2.65 -31.80
N VAL A 27 33.76 -2.67 -32.90
CA VAL A 27 32.32 -2.37 -32.87
C VAL A 27 31.55 -3.53 -33.49
N ASP A 28 30.76 -4.21 -32.66
CA ASP A 28 29.82 -5.21 -33.14
C ASP A 28 28.65 -4.48 -33.81
N THR A 29 28.52 -4.67 -35.12
CA THR A 29 27.57 -3.91 -35.95
C THR A 29 26.16 -4.50 -35.94
N ASP A 30 26.04 -5.76 -35.55
CA ASP A 30 24.73 -6.35 -35.25
C ASP A 30 24.16 -5.75 -33.97
N LYS A 31 25.00 -5.69 -32.93
CA LYS A 31 24.58 -5.26 -31.60
C LYS A 31 24.62 -3.75 -31.42
N ASN A 32 25.30 -3.05 -32.34
CA ASN A 32 25.65 -1.65 -32.16
C ASN A 32 26.23 -1.38 -30.77
N THR A 33 27.24 -2.15 -30.42
CA THR A 33 27.95 -1.95 -29.16
C THR A 33 29.46 -2.04 -29.33
N VAL A 34 30.18 -1.65 -28.29
CA VAL A 34 31.64 -1.70 -28.24
C VAL A 34 32.06 -3.05 -27.66
N VAL A 35 33.19 -3.56 -28.14
CA VAL A 35 33.78 -4.80 -27.68
C VAL A 35 35.24 -4.56 -27.28
N VAL A 36 35.57 -4.81 -26.02
CA VAL A 36 36.92 -4.59 -25.48
C VAL A 36 37.73 -5.88 -25.56
N HIS A 37 38.98 -5.77 -25.98
CA HIS A 37 39.82 -6.95 -26.24
C HIS A 37 41.07 -6.97 -25.36
N ASP A 38 41.65 -8.16 -25.22
CA ASP A 38 42.76 -8.40 -24.28
C ASP A 38 43.98 -9.13 -24.86
N GLY A 39 43.92 -9.56 -26.11
CA GLY A 39 45.03 -10.24 -26.77
C GLY A 39 45.04 -11.76 -26.63
N ALA A 40 43.97 -12.33 -26.09
CA ALA A 40 43.91 -13.76 -25.79
C ALA A 40 42.51 -14.37 -25.90
N THR A 41 41.50 -13.68 -25.37
CA THR A 41 40.14 -14.18 -25.33
C THR A 41 39.42 -14.00 -26.67
N ALA A 42 39.11 -15.10 -27.33
CA ALA A 42 38.33 -15.09 -28.56
C ALA A 42 36.95 -14.49 -28.32
N GLY A 43 36.56 -13.53 -29.15
CA GLY A 43 35.27 -12.87 -29.02
C GLY A 43 35.31 -11.54 -28.29
N GLY A 44 36.32 -11.35 -27.45
CA GLY A 44 36.43 -10.13 -26.67
C GLY A 44 35.40 -10.04 -25.57
N PHE A 45 35.12 -8.81 -25.14
CA PHE A 45 34.29 -8.54 -23.98
C PHE A 45 33.27 -7.46 -24.33
N PRO A 46 32.12 -7.85 -24.88
CA PRO A 46 31.09 -6.89 -25.28
C PRO A 46 30.58 -6.05 -24.11
N LEU A 47 30.32 -4.77 -24.35
CA LEU A 47 29.75 -3.89 -23.32
C LEU A 47 28.24 -3.83 -23.51
N ALA A 48 27.57 -3.38 -22.45
CA ALA A 48 26.11 -3.39 -22.38
C ALA A 48 25.51 -2.12 -22.98
N ARG A 49 24.48 -2.29 -23.78
CA ARG A 49 23.63 -1.20 -24.24
C ARG A 49 22.82 -0.66 -23.07
N HIS A 50 22.49 0.62 -23.11
CA HIS A 50 21.72 1.23 -22.05
C HIS A 50 20.27 0.75 -22.00
N ASP A 51 19.73 0.35 -23.15
CA ASP A 51 18.36 -0.17 -23.21
C ASP A 51 18.15 -1.31 -22.20
N LEU A 52 19.19 -2.10 -21.95
CA LEU A 52 19.11 -3.25 -21.05
C LEU A 52 19.24 -2.94 -19.54
N VAL A 53 19.47 -1.68 -19.19
CA VAL A 53 19.38 -1.29 -17.78
C VAL A 53 18.31 -0.21 -17.54
N LYS A 54 17.39 -0.06 -18.49
CA LYS A 54 16.24 0.81 -18.31
C LYS A 54 15.41 0.32 -17.12
N THR A 55 14.89 1.27 -16.34
CA THR A 55 14.18 1.05 -15.07
C THR A 55 15.05 0.54 -13.91
N ALA A 56 16.37 0.53 -14.08
CA ALA A 56 17.27 0.20 -12.98
C ALA A 56 16.98 1.11 -11.79
N PHE A 57 17.06 0.54 -10.59
CA PHE A 57 16.75 1.26 -9.34
C PHE A 57 17.47 0.54 -8.21
N ILE A 58 18.61 1.10 -7.79
CA ILE A 58 19.50 0.44 -6.86
C ILE A 58 19.61 1.26 -5.58
N LYS A 59 19.46 0.59 -4.44
CA LYS A 59 19.51 1.23 -3.13
C LYS A 59 20.69 0.68 -2.33
N ALA A 60 21.29 1.52 -1.51
CA ALA A 60 22.38 1.08 -0.62
C ALA A 60 21.87 0.05 0.38
N ASP A 61 20.65 0.26 0.88
CA ASP A 61 20.04 -0.64 1.86
C ASP A 61 18.70 -1.14 1.33
N LYS A 62 18.71 -2.33 0.74
CA LYS A 62 17.52 -2.90 0.12
C LYS A 62 16.47 -3.41 1.12
N SER A 63 16.88 -3.57 2.38
CA SER A 63 15.98 -3.99 3.46
C SER A 63 15.18 -2.85 4.09
N ALA A 64 15.44 -1.61 3.68
CA ALA A 64 14.69 -0.44 4.14
C ALA A 64 14.19 0.39 2.96
N VAL A 65 13.18 1.21 3.20
CA VAL A 65 12.64 2.12 2.18
C VAL A 65 13.70 3.16 1.79
N ALA A 66 13.57 3.71 0.58
CA ALA A 66 14.58 4.59 0.00
C ALA A 66 14.55 6.02 0.55
N PHE A 67 13.58 6.32 1.42
CA PHE A 67 13.40 7.67 1.94
C PHE A 67 13.37 7.70 3.45
N THR A 68 13.75 8.87 3.99
CA THR A 68 13.72 9.14 5.42
C THR A 68 12.83 10.33 5.68
N ARG A 69 11.92 10.21 6.64
CA ARG A 69 11.17 11.36 7.14
C ARG A 69 12.07 12.21 8.04
N THR A 70 12.15 13.51 7.73
CA THR A 70 13.03 14.43 8.46
C THR A 70 12.25 15.44 9.30
N GLY A 71 10.92 15.34 9.24
CA GLY A 71 10.04 16.25 9.93
C GLY A 71 8.60 15.98 9.52
N ASN A 72 7.65 16.67 10.16
CA ASN A 72 6.23 16.46 9.88
C ASN A 72 5.86 16.66 8.41
N ALA A 73 6.57 17.55 7.71
CA ALA A 73 6.25 17.90 6.33
C ALA A 73 7.47 17.86 5.39
N THR A 74 8.52 17.16 5.80
CA THR A 74 9.74 17.02 5.00
C THR A 74 10.23 15.58 4.98
N ALA A 75 10.93 15.23 3.89
CA ALA A 75 11.60 13.95 3.79
C ALA A 75 12.75 14.02 2.78
N SER A 76 13.63 13.04 2.82
CA SER A 76 14.81 12.97 1.99
C SER A 76 14.91 11.62 1.30
N ILE A 77 15.51 11.59 0.12
CA ILE A 77 15.91 10.36 -0.54
C ILE A 77 17.31 10.03 -0.05
N LYS A 78 17.60 8.74 0.14
CA LYS A 78 18.81 8.32 0.86
C LYS A 78 20.02 8.29 -0.05
N ALA A 79 21.19 8.53 0.57
CA ALA A 79 22.48 8.38 -0.08
C ALA A 79 22.61 6.98 -0.66
N GLY A 80 23.33 6.87 -1.77
CA GLY A 80 23.52 5.62 -2.47
C GLY A 80 22.36 5.19 -3.37
N THR A 81 21.34 6.03 -3.51
CA THR A 81 20.22 5.69 -4.38
C THR A 81 20.53 6.05 -5.83
N ILE A 82 20.40 5.07 -6.71
CA ILE A 82 20.75 5.18 -8.12
C ILE A 82 19.52 4.87 -8.96
N VAL A 83 19.16 5.78 -9.85
CA VAL A 83 17.90 5.69 -10.58
C VAL A 83 18.11 5.93 -12.07
N GLU A 84 17.63 5.01 -12.90
CA GLU A 84 17.58 5.22 -14.34
C GLU A 84 16.27 5.93 -14.69
N VAL A 85 16.35 6.93 -15.56
CA VAL A 85 15.17 7.71 -15.95
C VAL A 85 15.39 8.40 -17.29
N ASN A 86 14.55 8.06 -18.27
CA ASN A 86 14.57 8.68 -19.60
C ASN A 86 15.95 8.60 -20.28
N GLY A 87 16.60 7.44 -20.14
CA GLY A 87 17.91 7.21 -20.72
C GLY A 87 19.08 7.77 -19.93
N LYS A 88 18.80 8.39 -18.79
CA LYS A 88 19.83 9.07 -17.98
C LYS A 88 20.04 8.39 -16.62
N LEU A 89 21.20 8.65 -16.04
CA LEU A 89 21.55 8.15 -14.71
C LEU A 89 21.43 9.29 -13.72
N VAL A 90 20.67 9.08 -12.66
CA VAL A 90 20.53 10.07 -11.59
C VAL A 90 20.80 9.37 -10.27
N GLN A 91 21.85 9.79 -9.58
CA GLN A 91 22.15 9.23 -8.27
C GLN A 91 22.40 10.31 -7.23
N PHE A 92 22.16 9.95 -5.97
CA PHE A 92 22.27 10.86 -4.85
C PHE A 92 23.33 10.29 -3.91
N THR A 93 24.46 10.99 -3.82
CA THR A 93 25.61 10.50 -3.06
C THR A 93 25.48 10.85 -1.58
N ALA A 94 24.62 11.82 -1.27
CA ALA A 94 24.25 12.14 0.09
C ALA A 94 22.71 12.25 0.21
N ASP A 95 22.19 12.09 1.43
CA ASP A 95 20.78 12.33 1.70
C ASP A 95 20.37 13.66 1.07
N THR A 96 19.29 13.65 0.29
CA THR A 96 18.86 14.81 -0.49
C THR A 96 17.40 15.09 -0.24
N ALA A 97 17.11 16.33 0.15
CA ALA A 97 15.75 16.77 0.42
C ALA A 97 14.85 16.57 -0.79
N ILE A 98 13.64 16.09 -0.53
CA ILE A 98 12.60 15.96 -1.56
C ILE A 98 11.79 17.25 -1.53
N THR A 99 11.73 17.93 -2.67
CA THR A 99 10.93 19.13 -2.82
C THR A 99 9.46 18.80 -2.60
N MET A 100 8.82 19.51 -1.67
CA MET A 100 7.43 19.24 -1.31
C MET A 100 6.50 20.30 -1.87
N PRO A 101 5.31 19.89 -2.31
CA PRO A 101 4.26 20.85 -2.64
C PRO A 101 3.50 21.15 -1.37
N ALA A 102 2.39 21.89 -1.48
CA ALA A 102 1.47 22.03 -0.36
C ALA A 102 0.97 20.64 0.03
N LEU A 103 0.97 20.37 1.33
CA LEU A 103 0.51 19.10 1.86
C LEU A 103 -0.84 19.27 2.56
N THR A 104 -1.76 18.36 2.28
CA THR A 104 -3.15 18.44 2.74
C THR A 104 -3.48 17.18 3.51
N ALA A 105 -4.02 17.35 4.72
CA ALA A 105 -4.32 16.22 5.62
C ALA A 105 -5.14 15.17 4.91
N GLY A 106 -4.81 13.91 5.11
CA GLY A 106 -5.51 12.80 4.49
C GLY A 106 -5.33 12.67 2.99
N THR A 107 -4.11 12.94 2.51
CA THR A 107 -3.79 12.87 1.08
C THR A 107 -2.54 12.02 0.84
N ASP A 108 -2.55 11.26 -0.26
CA ASP A 108 -1.39 10.49 -0.68
C ASP A 108 -0.57 11.28 -1.68
N TYR A 109 0.74 11.07 -1.62
CA TYR A 109 1.69 11.74 -2.50
C TYR A 109 2.63 10.74 -3.14
N ALA A 110 3.02 11.02 -4.37
CA ALA A 110 3.98 10.23 -5.11
C ALA A 110 5.30 10.98 -5.16
N ILE A 111 6.40 10.25 -5.00
CA ILE A 111 7.75 10.79 -5.11
C ILE A 111 8.33 10.44 -6.47
N TYR A 112 8.87 11.44 -7.17
CA TYR A 112 9.44 11.28 -8.50
C TYR A 112 10.93 11.60 -8.44
N VAL A 113 11.72 10.93 -9.28
CA VAL A 113 13.08 11.35 -9.59
C VAL A 113 13.08 11.73 -11.07
N CYS A 114 13.58 12.92 -11.38
CA CYS A 114 13.51 13.44 -12.75
C CYS A 114 14.85 13.45 -13.44
N ASP A 115 14.83 13.53 -14.76
CA ASP A 115 16.03 13.34 -15.57
C ASP A 115 16.96 14.55 -15.58
N ASP A 116 16.50 15.66 -14.98
CA ASP A 116 17.36 16.81 -14.68
C ASP A 116 17.99 16.71 -13.28
N GLY A 117 17.86 15.57 -12.63
CA GLY A 117 18.48 15.32 -11.34
C GLY A 117 17.71 15.77 -10.11
N THR A 118 16.52 16.33 -10.29
CA THR A 118 15.72 16.78 -9.13
C THR A 118 14.89 15.64 -8.56
N VAL A 119 14.31 15.89 -7.39
CA VAL A 119 13.47 14.94 -6.68
C VAL A 119 12.38 15.71 -5.95
N ARG A 120 11.13 15.27 -6.12
CA ARG A 120 9.99 16.01 -5.60
C ARG A 120 8.75 15.14 -5.38
N ALA A 121 7.87 15.61 -4.51
CA ALA A 121 6.61 14.94 -4.23
C ALA A 121 5.48 15.66 -4.94
N ASP A 122 4.38 14.97 -5.19
CA ASP A 122 3.23 15.53 -5.90
C ASP A 122 1.96 14.71 -5.69
N SER A 123 0.81 15.38 -5.62
CA SER A 123 -0.47 14.70 -5.46
C SER A 123 -0.87 13.93 -6.73
N ASN A 124 -0.27 14.28 -7.87
CA ASN A 124 -0.52 13.60 -9.14
C ASN A 124 0.35 12.35 -9.29
N PHE A 125 -0.28 11.20 -9.52
CA PHE A 125 0.42 9.91 -9.61
C PHE A 125 0.80 9.46 -11.04
N SER A 126 0.66 10.36 -12.00
CA SER A 126 1.19 10.15 -13.36
C SER A 126 2.44 10.98 -13.58
N ALA A 127 2.35 12.28 -13.28
CA ALA A 127 3.49 13.19 -13.43
C ALA A 127 3.35 14.39 -12.50
N PRO A 128 4.47 14.86 -11.96
CA PRO A 128 4.45 16.05 -11.11
C PRO A 128 4.32 17.32 -11.95
N THR A 129 3.92 18.41 -11.31
CA THR A 129 3.76 19.69 -11.97
C THR A 129 5.09 20.17 -12.57
N GLY A 130 5.05 20.56 -13.84
CA GLY A 130 6.22 21.04 -14.56
C GLY A 130 7.02 19.96 -15.26
N TYR A 131 6.55 18.71 -15.20
CA TYR A 131 7.22 17.57 -15.85
C TYR A 131 6.21 16.67 -16.56
N THR A 132 6.71 15.66 -17.27
CA THR A 132 5.87 14.63 -17.88
C THR A 132 6.19 13.26 -17.29
N SER A 133 5.42 12.26 -17.70
CA SER A 133 5.65 10.89 -17.25
C SER A 133 6.90 10.28 -17.89
N THR A 134 7.45 10.97 -18.90
CA THR A 134 8.70 10.57 -19.55
C THR A 134 9.92 11.12 -18.79
N THR A 135 9.89 12.42 -18.48
CA THR A 135 11.02 13.07 -17.81
C THR A 135 11.03 12.83 -16.30
N ALA A 136 9.90 12.41 -15.75
CA ALA A 136 9.77 12.15 -14.32
C ALA A 136 9.41 10.69 -14.10
N ARG A 137 10.12 10.05 -13.17
CA ARG A 137 9.88 8.65 -12.83
C ARG A 137 9.36 8.50 -11.41
N LYS A 138 8.14 7.99 -11.27
CA LYS A 138 7.58 7.66 -9.96
C LYS A 138 8.36 6.52 -9.32
N VAL A 139 8.98 6.79 -8.18
CA VAL A 139 9.81 5.81 -7.47
C VAL A 139 9.24 5.42 -6.11
N GLY A 140 8.16 6.07 -5.68
CA GLY A 140 7.58 5.80 -4.38
C GLY A 140 6.54 6.82 -3.95
N GLY A 141 6.30 6.88 -2.65
CA GLY A 141 5.30 7.78 -2.11
C GLY A 141 5.10 7.67 -0.61
N PHE A 142 4.11 8.40 -0.11
CA PHE A 142 3.77 8.39 1.30
C PHE A 142 2.34 8.90 1.53
N HIS A 143 1.85 8.69 2.74
CA HIS A 143 0.58 9.26 3.16
C HIS A 143 0.84 10.41 4.13
N TYR A 144 0.20 11.55 3.88
CA TYR A 144 0.19 12.68 4.79
C TYR A 144 -1.09 12.56 5.62
N ALA A 145 -0.91 12.12 6.86
CA ALA A 145 -2.00 11.74 7.74
C ALA A 145 -2.67 12.95 8.41
N PRO A 146 -3.90 12.78 8.90
CA PRO A 146 -4.56 13.82 9.71
C PRO A 146 -4.02 13.94 11.13
N GLY A 147 -3.19 12.99 11.55
CA GLY A 147 -2.66 12.99 12.90
C GLY A 147 -1.45 12.09 13.06
N SER A 148 -0.83 12.14 14.23
CA SER A 148 0.38 11.38 14.48
C SER A 148 0.09 9.90 14.68
N ASN A 149 1.10 9.08 14.42
CA ASN A 149 1.12 7.69 14.86
C ASN A 149 1.16 7.69 16.39
N ALA A 150 0.78 6.59 17.01
CA ALA A 150 0.75 6.54 18.48
C ALA A 150 2.15 6.37 19.04
N ALA A 151 2.53 7.22 19.99
CA ALA A 151 3.84 7.19 20.64
C ALA A 151 3.89 6.14 21.75
N ALA A 152 2.71 5.73 22.21
CA ALA A 152 2.59 4.74 23.27
C ALA A 152 1.38 3.85 22.96
N GLN A 153 0.50 3.64 23.94
CA GLN A 153 -0.74 2.90 23.74
C GLN A 153 -1.96 3.76 24.13
N ALA A 154 -1.97 4.98 23.62
CA ALA A 154 -3.04 5.93 23.90
C ALA A 154 -3.39 6.74 22.66
N GLY A 155 -3.30 6.08 21.51
CA GLY A 155 -3.58 6.74 20.24
C GLY A 155 -2.59 7.84 19.88
N GLY A 156 -2.98 8.66 18.90
CA GLY A 156 -2.17 9.77 18.44
C GLY A 156 -2.87 11.11 18.60
N ASN A 157 -2.28 12.13 18.00
CA ASN A 157 -2.80 13.50 18.10
C ASN A 157 -3.49 13.86 16.78
N THR A 158 -3.75 15.14 16.56
CA THR A 158 -4.40 15.60 15.33
C THR A 158 -3.55 16.62 14.57
N THR A 159 -2.23 16.46 14.66
CA THR A 159 -1.29 17.25 13.91
C THR A 159 -1.01 16.55 12.59
N ALA A 160 -1.49 17.13 11.49
CA ALA A 160 -1.25 16.52 10.17
C ALA A 160 0.25 16.43 9.91
N GLN A 161 0.67 15.29 9.36
CA GLN A 161 2.08 14.99 9.18
C GLN A 161 2.28 13.71 8.37
N ILE A 162 3.47 13.58 7.79
CA ILE A 162 3.85 12.36 7.09
C ILE A 162 3.91 11.20 8.07
N ASN A 163 3.22 10.12 7.74
CA ASN A 163 3.34 8.85 8.45
C ASN A 163 4.60 8.14 7.94
N GLU A 164 5.63 8.06 8.76
CA GLU A 164 6.91 7.46 8.36
C GLU A 164 6.76 6.03 7.84
N TYR A 165 5.80 5.30 8.42
CA TYR A 165 5.60 3.89 8.09
C TYR A 165 4.84 3.69 6.80
N SER A 166 4.26 4.77 6.28
CA SER A 166 3.56 4.76 5.00
C SER A 166 4.49 5.01 3.80
N LEU A 167 5.78 5.23 4.06
CA LEU A 167 6.75 5.43 3.00
C LEU A 167 6.97 4.12 2.25
N TRP A 168 6.72 4.14 0.95
CA TRP A 168 6.96 2.98 0.09
C TRP A 168 7.83 3.38 -1.11
N ASP A 169 8.55 2.42 -1.67
CA ASP A 169 9.17 2.58 -2.98
C ASP A 169 8.92 1.36 -3.85
N ILE A 170 9.32 1.42 -5.12
CA ILE A 170 8.98 0.36 -6.07
C ILE A 170 9.61 -1.02 -5.75
N LYS A 171 10.58 -1.06 -4.85
CA LYS A 171 11.16 -2.32 -4.38
C LYS A 171 10.99 -2.52 -2.86
N PHE A 172 10.04 -1.80 -2.26
CA PHE A 172 9.77 -1.85 -0.83
C PHE A 172 8.36 -1.33 -0.64
N ARG A 173 7.37 -2.21 -0.75
CA ARG A 173 6.00 -1.79 -0.93
C ARG A 173 4.98 -2.89 -0.63
N PRO A 174 3.72 -2.51 -0.47
CA PRO A 174 2.65 -3.50 -0.42
C PRO A 174 2.57 -4.23 -1.74
N ALA A 175 2.20 -5.51 -1.68
CA ALA A 175 2.01 -6.30 -2.89
C ALA A 175 0.69 -5.97 -3.57
N ALA A 176 -0.12 -5.10 -2.96
CA ALA A 176 -1.41 -4.73 -3.54
C ALA A 176 -1.21 -4.03 -4.87
N LEU A 177 -2.26 -4.03 -5.69
CA LEU A 177 -2.21 -3.43 -7.02
C LEU A 177 -1.98 -1.92 -6.92
N ASP A 178 -2.44 -1.31 -5.82
CA ASP A 178 -2.30 0.12 -5.56
C ASP A 178 -1.76 0.30 -4.14
N PRO A 179 -0.60 0.92 -3.98
CA PRO A 179 0.01 1.08 -2.65
C PRO A 179 -0.56 2.21 -1.79
N ARG A 180 -1.34 3.12 -2.38
CA ARG A 180 -1.80 4.32 -1.67
C ARG A 180 -2.67 4.03 -0.43
N GLY A 181 -2.44 4.81 0.62
CA GLY A 181 -3.26 4.74 1.83
C GLY A 181 -2.94 3.56 2.73
N MET A 182 -1.77 2.96 2.55
CA MET A 182 -1.34 1.82 3.36
C MET A 182 -0.12 2.16 4.23
N THR A 183 0.06 1.41 5.32
CA THR A 183 1.19 1.59 6.22
C THR A 183 1.85 0.27 6.62
N LEU A 184 3.17 0.32 6.84
CA LEU A 184 3.95 -0.89 7.13
C LEU A 184 3.93 -1.19 8.62
N VAL A 185 3.32 -2.32 8.97
CA VAL A 185 3.16 -2.75 10.36
C VAL A 185 4.33 -3.63 10.80
N ALA A 186 5.20 -3.07 11.65
CA ALA A 186 6.30 -3.81 12.27
C ALA A 186 7.28 -4.43 11.27
N GLY A 187 7.33 -3.85 10.06
CA GLY A 187 8.19 -4.30 9.00
C GLY A 187 7.76 -5.59 8.32
N ALA A 188 6.56 -6.07 8.63
CA ALA A 188 6.12 -7.43 8.34
C ALA A 188 5.06 -7.55 7.24
N PHE A 189 4.09 -6.65 7.26
CA PHE A 189 3.00 -6.62 6.28
C PHE A 189 2.37 -5.22 6.25
N TRP A 190 1.57 -4.92 5.23
CA TRP A 190 0.94 -3.61 5.10
C TRP A 190 -0.53 -3.64 5.48
N ALA A 191 -1.01 -2.59 6.14
CA ALA A 191 -2.41 -2.46 6.49
C ALA A 191 -2.97 -1.15 5.93
N ASP A 192 -4.21 -1.17 5.48
CA ASP A 192 -4.95 0.02 5.09
C ASP A 192 -5.06 0.96 6.30
N ILE A 193 -4.72 2.21 6.09
CA ILE A 193 -4.84 3.23 7.15
C ILE A 193 -6.31 3.49 7.51
N TYR A 194 -7.20 3.43 6.52
CA TYR A 194 -8.61 3.69 6.74
C TYR A 194 -9.47 2.47 6.45
N LEU A 195 -10.54 2.35 7.21
CA LEU A 195 -11.60 1.38 6.96
C LEU A 195 -12.18 1.61 5.57
N LEU A 196 -12.61 0.52 4.95
CA LEU A 196 -13.18 0.55 3.60
C LEU A 196 -14.32 1.55 3.49
N GLY A 197 -14.24 2.37 2.45
CA GLY A 197 -15.30 3.29 2.10
C GLY A 197 -16.24 2.66 1.09
N VAL A 198 -17.46 3.20 1.03
CA VAL A 198 -18.45 2.83 0.03
C VAL A 198 -17.88 2.99 -1.38
N ASN A 199 -17.27 4.14 -1.65
CA ASN A 199 -16.80 4.47 -3.00
C ASN A 199 -15.34 4.06 -3.24
N HIS A 200 -15.04 2.79 -2.97
CA HIS A 200 -13.68 2.26 -3.08
C HIS A 200 -13.22 2.12 -4.54
N LEU A 201 -14.15 2.06 -5.47
CA LEU A 201 -13.79 1.95 -6.89
C LEU A 201 -13.09 3.21 -7.37
N THR A 202 -13.54 4.37 -6.89
CA THR A 202 -12.90 5.64 -7.24
C THR A 202 -11.80 6.02 -6.24
N ASP A 203 -12.03 5.77 -4.96
CA ASP A 203 -11.15 6.23 -3.89
C ASP A 203 -10.02 5.25 -3.55
N GLY A 204 -10.15 4.01 -4.01
CA GLY A 204 -9.41 2.91 -3.42
C GLY A 204 -10.05 2.51 -2.10
N THR A 205 -9.50 1.50 -1.44
CA THR A 205 -10.07 1.00 -0.19
C THR A 205 -9.78 1.88 1.01
N SER A 206 -8.79 2.75 0.91
CA SER A 206 -8.28 3.48 2.07
C SER A 206 -8.17 4.98 1.80
N LYS A 207 -9.15 5.73 2.28
CA LYS A 207 -9.21 7.18 2.09
C LYS A 207 -9.76 7.92 3.31
N TYR A 208 -9.22 9.13 3.53
CA TYR A 208 -9.61 10.00 4.64
C TYR A 208 -10.91 10.75 4.32
N ASN A 209 -11.74 10.90 5.34
CA ASN A 209 -12.96 11.70 5.27
C ASN A 209 -13.96 11.24 4.21
N VAL A 210 -14.19 9.93 4.19
CA VAL A 210 -15.20 9.34 3.31
C VAL A 210 -16.15 8.49 4.12
N THR A 211 -17.30 8.21 3.53
CA THR A 211 -18.31 7.38 4.15
C THR A 211 -17.83 5.95 4.28
N ILE A 212 -17.86 5.43 5.50
CA ILE A 212 -17.47 4.06 5.80
C ILE A 212 -18.54 3.07 5.33
N ALA A 213 -18.08 1.98 4.71
CA ALA A 213 -18.96 0.91 4.31
C ALA A 213 -19.26 0.02 5.51
N ASP A 214 -20.55 -0.24 5.73
CA ASP A 214 -21.01 -1.26 6.67
C ASP A 214 -22.37 -1.82 6.26
N GLY A 215 -23.06 -2.51 7.16
CA GLY A 215 -24.35 -3.12 6.85
C GLY A 215 -25.42 -2.12 6.43
N SER A 216 -25.35 -0.90 6.95
CA SER A 216 -26.29 0.17 6.60
C SER A 216 -25.88 1.00 5.38
N ALA A 217 -24.64 0.87 4.92
CA ALA A 217 -24.18 1.50 3.67
C ALA A 217 -23.19 0.58 2.97
N SER A 218 -23.71 -0.32 2.15
CA SER A 218 -22.88 -1.38 1.58
C SER A 218 -21.89 -0.82 0.54
N PRO A 219 -20.78 -1.51 0.32
CA PRO A 219 -19.79 -1.02 -0.64
C PRO A 219 -20.32 -1.10 -2.06
N LYS A 220 -19.76 -0.28 -2.95
CA LYS A 220 -20.00 -0.42 -4.38
C LYS A 220 -19.63 -1.86 -4.78
N LYS A 221 -20.45 -2.46 -5.64
CA LYS A 221 -20.20 -3.78 -6.17
C LYS A 221 -18.94 -3.76 -7.04
N SER A 222 -18.07 -4.75 -6.82
CA SER A 222 -16.84 -4.89 -7.60
C SER A 222 -17.17 -5.02 -9.08
N THR A 223 -16.54 -4.20 -9.92
CA THR A 223 -16.66 -4.29 -11.38
C THR A 223 -15.93 -5.51 -11.98
N LYS A 224 -15.10 -6.19 -11.17
CA LYS A 224 -14.50 -7.47 -11.55
C LYS A 224 -15.42 -8.67 -11.26
N PHE A 225 -16.52 -8.43 -10.56
CA PHE A 225 -17.48 -9.49 -10.21
C PHE A 225 -18.94 -9.08 -10.49
N GLY A 226 -19.16 -8.47 -11.65
CA GLY A 226 -20.51 -8.21 -12.14
C GLY A 226 -21.06 -6.84 -11.82
N GLY A 227 -20.32 -6.06 -11.04
CA GLY A 227 -20.68 -4.68 -10.76
C GLY A 227 -20.52 -3.79 -11.99
N ASP A 228 -21.27 -2.69 -12.01
CA ASP A 228 -21.26 -1.75 -13.14
C ASP A 228 -20.67 -0.37 -12.78
N GLY A 229 -20.23 -0.20 -11.54
CA GLY A 229 -19.67 1.07 -11.07
C GLY A 229 -20.63 1.95 -10.28
N SER A 230 -21.93 1.67 -10.38
CA SER A 230 -22.96 2.43 -9.68
C SER A 230 -23.68 1.62 -8.60
N ALA A 231 -24.01 0.38 -8.90
CA ALA A 231 -24.71 -0.49 -7.96
C ALA A 231 -23.84 -0.82 -6.76
N ALA A 232 -24.45 -0.84 -5.58
CA ALA A 232 -23.84 -1.36 -4.35
C ALA A 232 -24.39 -2.76 -4.10
N TYR A 233 -23.74 -3.48 -3.17
CA TYR A 233 -24.24 -4.79 -2.75
C TYR A 233 -25.55 -4.62 -2.01
N SER A 234 -26.32 -5.70 -1.96
CA SER A 234 -27.60 -5.70 -1.26
C SER A 234 -27.41 -5.50 0.25
N ASP A 235 -26.26 -5.95 0.78
CA ASP A 235 -25.93 -5.74 2.20
C ASP A 235 -24.42 -5.85 2.49
N GLY A 236 -24.04 -5.90 3.76
CA GLY A 236 -22.65 -5.93 4.18
C GLY A 236 -22.16 -7.29 4.64
N ALA A 237 -22.60 -8.33 3.94
CA ALA A 237 -22.15 -9.69 4.24
C ALA A 237 -20.62 -9.80 4.14
N TRP A 238 -20.04 -10.70 4.94
CA TRP A 238 -18.62 -11.08 4.79
C TRP A 238 -18.27 -11.29 3.31
N TYR A 239 -19.10 -12.06 2.62
CA TYR A 239 -18.84 -12.37 1.21
C TYR A 239 -18.52 -11.13 0.37
N ASN A 240 -19.30 -10.06 0.57
CA ASN A 240 -19.14 -8.83 -0.20
C ASN A 240 -17.85 -8.08 0.13
N PHE A 241 -17.53 -7.97 1.41
CA PHE A 241 -16.29 -7.31 1.82
C PHE A 241 -15.04 -8.07 1.36
N ALA A 242 -15.07 -9.39 1.45
CA ALA A 242 -13.98 -10.24 0.96
C ALA A 242 -13.82 -10.10 -0.55
N GLU A 243 -14.94 -9.92 -1.25
CA GLU A 243 -14.93 -9.75 -2.70
C GLU A 243 -14.28 -8.42 -3.08
N VAL A 244 -14.61 -7.38 -2.33
CA VAL A 244 -14.03 -6.04 -2.57
C VAL A 244 -12.51 -6.05 -2.33
N MET A 245 -12.07 -6.67 -1.24
CA MET A 245 -10.63 -6.73 -0.97
C MET A 245 -9.90 -7.42 -2.13
N THR A 246 -10.45 -8.54 -2.61
CA THR A 246 -9.86 -9.30 -3.72
C THR A 246 -9.75 -8.45 -4.98
N HIS A 247 -10.79 -7.66 -5.27
CA HIS A 247 -10.80 -6.69 -6.37
C HIS A 247 -9.52 -5.85 -6.39
N HIS A 248 -9.11 -5.40 -5.21
CA HIS A 248 -7.97 -4.50 -5.06
C HIS A 248 -6.66 -5.22 -4.72
N GLY A 249 -6.67 -6.55 -4.75
CA GLY A 249 -5.45 -7.33 -4.51
C GLY A 249 -5.06 -7.36 -3.04
N LYS A 250 -6.05 -7.28 -2.17
CA LYS A 250 -5.86 -7.25 -0.72
C LYS A 250 -6.69 -8.37 -0.12
N ARG A 251 -6.60 -8.50 1.20
CA ARG A 251 -7.43 -9.44 1.95
C ARG A 251 -7.84 -8.87 3.30
N LEU A 252 -8.82 -9.50 3.93
CA LEU A 252 -9.20 -9.18 5.29
C LEU A 252 -8.11 -9.71 6.23
N PRO A 253 -7.92 -9.09 7.38
CA PRO A 253 -6.86 -9.50 8.29
C PRO A 253 -7.22 -10.78 9.02
N ASN A 254 -6.20 -11.57 9.35
CA ASN A 254 -6.36 -12.64 10.32
C ASN A 254 -6.01 -12.09 11.72
N TYR A 255 -6.10 -12.93 12.75
CA TYR A 255 -6.00 -12.46 14.13
C TYR A 255 -4.58 -11.95 14.41
N ASN A 256 -3.56 -12.63 13.89
CA ASN A 256 -2.18 -12.23 14.14
C ASN A 256 -1.84 -10.89 13.51
N GLU A 257 -2.40 -10.63 12.33
CA GLU A 257 -2.22 -9.36 11.66
C GLU A 257 -3.00 -8.25 12.36
N PHE A 258 -4.18 -8.57 12.89
CA PHE A 258 -5.00 -7.54 13.53
C PHE A 258 -4.37 -7.02 14.82
N GLN A 259 -3.92 -7.92 15.69
CA GLN A 259 -3.26 -7.49 16.93
C GLN A 259 -2.00 -6.68 16.66
N ALA A 260 -1.34 -6.94 15.53
CA ALA A 260 -0.18 -6.17 15.11
C ALA A 260 -0.56 -4.77 14.62
N LEU A 261 -1.50 -4.70 13.67
CA LEU A 261 -1.83 -3.44 13.02
C LEU A 261 -2.51 -2.45 13.97
N ALA A 262 -3.17 -2.97 15.00
CA ALA A 262 -3.95 -2.15 15.95
C ALA A 262 -3.17 -1.81 17.22
N PHE A 263 -2.00 -2.38 17.43
CA PHE A 263 -1.21 -2.05 18.60
C PHE A 263 -0.87 -0.56 18.61
N GLY A 264 -1.03 0.09 19.76
CA GLY A 264 -0.88 1.53 19.90
C GLY A 264 -2.19 2.24 20.17
N THR A 265 -3.28 1.66 19.69
CA THR A 265 -4.63 2.14 20.01
C THR A 265 -4.87 2.19 21.53
N THR A 266 -5.88 2.99 21.92
CA THR A 266 -6.33 3.01 23.29
C THR A 266 -7.15 1.74 23.50
N GLU A 267 -6.63 0.86 24.36
CA GLU A 267 -7.22 -0.47 24.57
C GLU A 267 -8.46 -0.39 25.44
N ALA A 268 -9.29 -1.43 25.34
CA ALA A 268 -10.46 -1.59 26.19
C ALA A 268 -11.33 -0.33 26.22
N THR A 269 -11.44 0.31 25.07
CA THR A 269 -12.17 1.57 24.93
C THR A 269 -12.88 1.57 23.58
N SER A 270 -14.10 2.09 23.56
CA SER A 270 -14.87 2.23 22.33
C SER A 270 -15.23 3.70 22.07
N SER A 271 -15.65 3.98 20.85
CA SER A 271 -15.92 5.35 20.41
C SER A 271 -17.11 5.96 21.14
N GLY A 272 -18.08 5.11 21.49
CA GLY A 272 -19.30 5.53 22.15
C GLY A 272 -20.32 6.06 21.16
N GLY A 273 -21.47 6.46 21.68
CA GLY A 273 -22.51 7.06 20.88
C GLY A 273 -23.27 6.03 20.06
N THR A 274 -23.67 6.42 18.86
CA THR A 274 -24.60 5.62 18.04
C THR A 274 -24.10 5.26 16.65
N ASP A 275 -22.91 5.74 16.25
CA ASP A 275 -22.39 5.49 14.90
C ASP A 275 -20.96 6.00 14.72
N VAL A 276 -20.27 5.45 13.73
CA VAL A 276 -19.03 6.03 13.20
C VAL A 276 -19.17 6.08 11.67
N PRO A 277 -19.73 7.16 11.13
CA PRO A 277 -20.07 7.23 9.70
C PRO A 277 -18.92 7.50 8.73
N THR A 278 -17.81 8.05 9.23
CA THR A 278 -16.79 8.66 8.38
C THR A 278 -15.38 8.33 8.85
N THR A 279 -14.47 8.10 7.90
CA THR A 279 -13.09 7.80 8.24
C THR A 279 -12.32 9.04 8.72
N GLY A 280 -11.51 8.85 9.76
CA GLY A 280 -10.66 9.90 10.31
C GLY A 280 -11.41 11.03 10.99
N VAL A 281 -12.65 10.77 11.38
CA VAL A 281 -13.52 11.79 11.98
C VAL A 281 -14.25 11.21 13.21
N ASN A 282 -14.52 12.06 14.19
CA ASN A 282 -15.25 11.66 15.39
C ASN A 282 -16.58 10.98 15.04
N GLY A 283 -16.94 10.00 15.85
CA GLY A 283 -18.21 9.31 15.66
C GLY A 283 -19.38 10.15 16.11
N THR A 284 -20.58 9.70 15.73
CA THR A 284 -21.82 10.34 16.14
C THR A 284 -22.12 10.02 17.61
N GLY A 285 -22.18 11.05 18.45
CA GLY A 285 -22.34 10.90 19.90
C GLY A 285 -21.11 10.37 20.60
N ALA A 286 -19.97 10.42 19.94
CA ALA A 286 -18.73 9.85 20.45
C ALA A 286 -18.34 10.46 21.80
N THR A 287 -17.91 9.61 22.73
CA THR A 287 -17.28 10.07 23.97
C THR A 287 -15.76 10.03 23.91
N SER A 288 -15.20 9.51 22.82
CA SER A 288 -13.76 9.59 22.55
C SER A 288 -13.54 10.05 21.12
N ALA A 289 -12.56 10.91 20.93
CA ALA A 289 -12.21 11.45 19.61
C ALA A 289 -11.58 10.34 18.75
N TRP A 290 -11.63 10.49 17.44
CA TRP A 290 -11.12 9.47 16.50
C TRP A 290 -9.65 9.11 16.74
N ASN A 291 -8.84 10.11 17.07
CA ASN A 291 -7.39 9.96 17.18
C ASN A 291 -6.94 9.13 18.38
N ILE A 292 -7.84 8.92 19.31
CA ILE A 292 -7.65 8.01 20.45
C ILE A 292 -7.42 6.56 19.97
N PHE A 293 -7.87 6.25 18.75
CA PHE A 293 -7.79 4.91 18.21
C PHE A 293 -6.79 4.76 17.07
N THR A 294 -5.82 5.68 16.98
CA THR A 294 -4.73 5.54 16.02
C THR A 294 -3.67 4.58 16.58
N SER A 295 -3.24 3.63 15.76
CA SER A 295 -2.21 2.66 16.14
C SER A 295 -0.82 3.26 16.00
N LYS A 296 0.17 2.53 16.52
CA LYS A 296 1.59 2.89 16.43
C LYS A 296 2.03 3.11 15.00
N TRP A 297 1.38 2.41 14.08
CA TRP A 297 1.77 2.42 12.69
C TRP A 297 0.91 3.38 11.84
N GLY A 298 0.03 4.12 12.50
CA GLY A 298 -0.79 5.12 11.83
C GLY A 298 -2.08 4.60 11.26
N VAL A 299 -2.51 3.42 11.70
CA VAL A 299 -3.81 2.86 11.34
C VAL A 299 -4.86 3.68 12.06
N VAL A 300 -5.76 4.30 11.29
CA VAL A 300 -6.78 5.19 11.84
C VAL A 300 -8.05 4.40 12.17
N GLN A 301 -8.64 4.70 13.33
CA GLN A 301 -9.83 4.01 13.86
C GLN A 301 -9.59 2.50 13.94
N ALA A 302 -8.43 2.15 14.49
CA ALA A 302 -7.89 0.80 14.45
C ALA A 302 -8.72 -0.16 15.30
N SER A 303 -9.34 0.37 16.34
CA SER A 303 -10.21 -0.38 17.21
C SER A 303 -11.33 0.49 17.75
N GLY A 304 -12.38 -0.15 18.26
CA GLY A 304 -13.43 0.53 19.00
C GLY A 304 -14.35 1.39 18.17
N CYS A 305 -14.27 1.27 16.86
CA CYS A 305 -15.02 2.15 15.96
C CYS A 305 -15.99 1.29 15.15
N LEU A 306 -15.46 0.45 14.27
CA LEU A 306 -16.22 -0.64 13.66
C LEU A 306 -15.46 -1.97 13.75
N TRP A 307 -16.20 -3.06 13.92
CA TRP A 307 -15.64 -4.38 13.71
C TRP A 307 -15.13 -4.45 12.28
N THR A 308 -14.02 -5.16 12.06
CA THR A 308 -13.70 -5.56 10.70
C THR A 308 -13.92 -7.06 10.59
N TRP A 309 -14.55 -7.47 9.50
CA TRP A 309 -14.57 -8.87 9.13
C TRP A 309 -13.12 -9.32 9.07
N GLY A 310 -12.89 -10.58 9.43
CA GLY A 310 -11.57 -11.17 9.35
C GLY A 310 -11.58 -12.29 8.32
N ASN A 311 -10.38 -12.72 7.92
CA ASN A 311 -10.21 -13.79 6.94
C ASN A 311 -10.00 -15.14 7.64
N GLU A 312 -10.80 -15.38 8.68
CA GLU A 312 -10.65 -16.54 9.56
C GLU A 312 -12.05 -17.01 9.96
N PHE A 313 -12.23 -18.31 10.10
CA PHE A 313 -13.52 -18.88 10.50
C PHE A 313 -13.37 -19.78 11.72
N GLY A 314 -14.40 -19.82 12.55
CA GLY A 314 -14.40 -20.53 13.81
C GLY A 314 -15.44 -19.94 14.76
N GLY A 315 -15.63 -20.62 15.90
CA GLY A 315 -16.63 -20.20 16.87
C GLY A 315 -17.97 -20.88 16.65
N VAL A 316 -19.05 -20.15 16.89
CA VAL A 316 -20.40 -20.69 16.78
C VAL A 316 -20.77 -20.96 15.32
N ASN A 317 -21.34 -22.14 15.09
CA ASN A 317 -21.73 -22.59 13.74
C ASN A 317 -23.19 -22.33 13.45
N GLY A 318 -23.51 -22.16 12.17
CA GLY A 318 -24.89 -22.16 11.73
C GLY A 318 -25.43 -23.58 11.72
N ALA A 319 -26.67 -23.74 11.27
CA ALA A 319 -27.36 -25.01 11.29
C ALA A 319 -26.63 -26.07 10.47
N SER A 320 -26.77 -27.32 10.89
CA SER A 320 -26.29 -28.47 10.13
C SER A 320 -27.35 -28.91 9.11
N GLU A 321 -27.62 -28.02 8.16
CA GLU A 321 -28.50 -28.27 7.03
C GLU A 321 -28.10 -27.32 5.89
N TYR A 322 -28.25 -27.76 4.65
CA TYR A 322 -27.86 -26.92 3.52
C TYR A 322 -28.72 -25.65 3.50
N THR A 323 -28.04 -24.51 3.61
CA THR A 323 -28.69 -23.21 3.80
C THR A 323 -28.26 -22.23 2.71
N ALA A 324 -29.23 -21.80 1.91
CA ALA A 324 -29.00 -20.95 0.75
C ALA A 324 -29.00 -19.47 1.15
N ASN A 325 -27.90 -19.01 1.72
CA ASN A 325 -27.79 -17.65 2.26
C ASN A 325 -26.60 -16.87 1.70
N THR A 326 -26.13 -17.29 0.52
CA THR A 326 -24.90 -16.75 -0.06
C THR A 326 -25.14 -15.77 -1.20
N GLY A 327 -26.33 -15.17 -1.26
CA GLY A 327 -26.67 -14.26 -2.35
C GLY A 327 -26.91 -14.98 -3.66
N GLY A 328 -27.34 -16.23 -3.59
CA GLY A 328 -27.65 -17.02 -4.76
C GLY A 328 -26.46 -17.74 -5.37
N ARG A 329 -25.43 -18.02 -4.56
CA ARG A 329 -24.22 -18.71 -5.05
C ARG A 329 -23.95 -20.05 -4.37
N GLY A 330 -25.03 -20.72 -3.96
CA GLY A 330 -24.94 -22.03 -3.36
C GLY A 330 -25.32 -21.98 -1.89
N SER A 331 -25.18 -23.11 -1.23
CA SER A 331 -25.58 -23.26 0.17
C SER A 331 -24.40 -23.65 1.05
N VAL A 332 -24.52 -23.34 2.34
CA VAL A 332 -23.53 -23.69 3.34
C VAL A 332 -24.12 -24.67 4.36
N TYR A 333 -23.24 -25.38 5.06
CA TYR A 333 -23.66 -26.44 5.97
C TYR A 333 -22.72 -26.43 7.18
N ALA A 334 -23.30 -26.28 8.37
CA ALA A 334 -22.53 -26.14 9.60
C ALA A 334 -21.51 -25.00 9.51
N GLN A 335 -21.94 -23.89 8.94
CA GLN A 335 -21.05 -22.78 8.59
C GLN A 335 -20.48 -22.11 9.84
N PRO A 336 -19.17 -22.16 10.06
CA PRO A 336 -18.58 -21.42 11.17
C PRO A 336 -18.73 -19.91 10.98
N ALA A 337 -18.84 -19.19 12.09
CA ALA A 337 -18.80 -17.74 12.06
C ALA A 337 -17.52 -17.27 11.40
N ALA A 338 -17.59 -16.12 10.74
CA ALA A 338 -16.41 -15.41 10.28
C ALA A 338 -15.95 -14.49 11.42
N ALA A 339 -14.65 -14.43 11.63
CA ALA A 339 -14.10 -13.61 12.70
C ALA A 339 -14.52 -12.15 12.53
N LEU A 340 -14.64 -11.46 13.66
CA LEU A 340 -14.82 -10.01 13.69
C LEU A 340 -13.82 -9.44 14.69
N PHE A 341 -13.06 -8.42 14.29
CA PHE A 341 -11.96 -7.93 15.10
C PHE A 341 -12.10 -6.45 15.44
N GLY A 342 -11.69 -6.08 16.66
CA GLY A 342 -11.51 -4.68 17.03
C GLY A 342 -12.56 -4.07 17.93
N GLY A 343 -13.81 -4.47 17.77
CA GLY A 343 -14.92 -3.87 18.49
C GLY A 343 -15.46 -2.64 17.77
N ASN A 344 -16.73 -2.33 18.00
CA ASN A 344 -17.36 -1.15 17.41
C ASN A 344 -17.70 -0.10 18.48
N TRP A 345 -18.36 0.97 18.07
CA TRP A 345 -18.61 2.12 18.94
C TRP A 345 -19.42 1.78 20.20
N SER A 346 -20.26 0.75 20.11
CA SER A 346 -21.17 0.38 21.19
C SER A 346 -20.61 -0.69 22.13
N ASN A 347 -19.33 -1.03 21.98
CA ASN A 347 -18.76 -2.22 22.60
C ASN A 347 -17.99 -1.93 23.88
N THR A 348 -18.08 -0.68 24.32
CA THR A 348 -17.69 -0.31 25.66
C THR A 348 -16.23 -0.78 25.96
N SER A 349 -15.96 -1.36 27.12
CA SER A 349 -14.60 -1.78 27.49
C SER A 349 -14.08 -3.06 26.80
N HIS A 350 -14.84 -3.61 25.85
CA HIS A 350 -14.49 -4.89 25.22
C HIS A 350 -13.75 -4.73 23.88
N SER A 351 -13.65 -3.50 23.40
CA SER A 351 -12.91 -3.19 22.19
C SER A 351 -11.40 -3.20 22.46
N GLY A 352 -10.61 -3.27 21.39
CA GLY A 352 -9.16 -3.24 21.49
C GLY A 352 -8.49 -4.01 20.37
N SER A 353 -7.16 -4.06 20.43
CA SER A 353 -6.36 -4.69 19.38
C SER A 353 -6.43 -6.23 19.37
N ARG A 354 -7.06 -6.82 20.38
CA ARG A 354 -7.29 -8.27 20.41
C ARG A 354 -8.77 -8.63 20.58
N ALA A 355 -9.65 -7.62 20.45
CA ALA A 355 -11.08 -7.85 20.52
C ALA A 355 -11.49 -8.77 19.38
N ALA A 356 -12.22 -9.84 19.69
CA ALA A 356 -12.56 -10.87 18.72
C ALA A 356 -13.92 -11.49 19.03
N LEU A 357 -14.85 -11.38 18.09
CA LEU A 357 -16.19 -11.93 18.21
C LEU A 357 -16.37 -13.01 17.14
N TRP A 358 -16.72 -14.22 17.57
CA TRP A 358 -16.79 -15.39 16.69
C TRP A 358 -18.19 -15.99 16.72
N TYR A 359 -19.19 -15.17 16.41
CA TYR A 359 -20.58 -15.57 16.52
C TYR A 359 -21.38 -15.33 15.23
N VAL A 360 -21.00 -14.28 14.49
CA VAL A 360 -21.74 -13.85 13.31
C VAL A 360 -21.34 -14.61 12.04
N GLY A 361 -22.32 -15.29 11.43
CA GLY A 361 -22.13 -15.96 10.16
C GLY A 361 -21.80 -14.97 9.04
N PRO A 362 -21.09 -15.43 8.01
CA PRO A 362 -20.65 -14.56 6.91
C PRO A 362 -21.79 -13.97 6.06
N SER A 363 -22.98 -14.56 6.13
CA SER A 363 -24.15 -14.06 5.40
C SER A 363 -24.77 -12.82 6.07
N ASN A 364 -24.43 -12.57 7.33
CA ASN A 364 -25.05 -11.50 8.10
C ASN A 364 -24.47 -10.12 7.80
N SER A 365 -25.27 -9.11 8.11
CA SER A 365 -24.97 -7.71 7.82
C SER A 365 -25.49 -6.83 8.98
N PHE A 366 -24.63 -6.01 9.54
CA PHE A 366 -25.00 -5.09 10.62
C PHE A 366 -24.28 -3.74 10.48
N ALA A 367 -24.91 -2.69 11.01
CA ALA A 367 -24.41 -1.31 10.94
C ALA A 367 -23.02 -1.08 11.52
N GLY A 368 -22.57 -1.86 12.48
CA GLY A 368 -21.24 -1.65 13.03
C GLY A 368 -20.18 -2.62 12.53
N ILE A 369 -20.41 -3.26 11.38
CA ILE A 369 -19.46 -4.20 10.80
C ILE A 369 -19.05 -3.72 9.41
N GLY A 370 -17.74 -3.47 9.27
CA GLY A 370 -17.17 -3.03 8.02
C GLY A 370 -15.93 -3.87 7.74
N ALA A 371 -14.90 -3.25 7.18
CA ALA A 371 -13.68 -3.97 6.81
C ALA A 371 -12.47 -3.09 6.73
N ARG A 372 -11.31 -3.71 6.92
CA ARG A 372 -10.01 -3.11 6.67
C ARG A 372 -9.19 -4.09 5.85
N GLY A 373 -8.41 -3.57 4.90
CA GLY A 373 -7.58 -4.41 4.06
C GLY A 373 -6.14 -4.54 4.54
N VAL A 374 -5.49 -5.63 4.13
CA VAL A 374 -4.07 -5.85 4.30
C VAL A 374 -3.52 -6.59 3.04
N CYS A 375 -2.20 -6.58 2.79
CA CYS A 375 -1.54 -7.55 1.85
C CYS A 375 -0.08 -7.68 2.32
N ASP A 376 0.69 -8.50 1.61
CA ASP A 376 2.06 -8.80 1.99
C ASP A 376 3.01 -7.62 1.77
N HIS A 377 4.11 -7.62 2.52
CA HIS A 377 5.25 -6.74 2.27
C HIS A 377 6.14 -7.38 1.20
N LEU A 378 6.55 -6.56 0.24
CA LEU A 378 7.38 -7.02 -0.89
C LEU A 378 8.71 -6.28 -0.90
N ILE A 379 9.80 -7.03 -0.74
CA ILE A 379 11.16 -6.49 -0.86
C ILE A 379 11.84 -7.17 -2.04
N LEU A 380 12.16 -6.37 -3.06
CA LEU A 380 12.70 -6.87 -4.32
C LEU A 380 14.20 -6.66 -4.43
#